data_2VYO
#
_entry.id   2VYO
#
_cell.length_a   64.975
_cell.length_b   81.916
_cell.length_c   39.201
_cell.angle_alpha   90.00
_cell.angle_beta   90.00
_cell.angle_gamma   90.00
#
_symmetry.space_group_name_H-M   'P 21 21 2'
#
loop_
_entity.id
_entity.type
_entity.pdbx_description
1 polymer 'POLYSACCHARIDE DEACETYLASE DOMAIN-CONTAINING PROTEIN ECU11_0510'
2 non-polymer 'CALCIUM ION'
3 non-polymer 'ZINC ION'
4 non-polymer 'ACETATE ION'
5 non-polymer 'CHLORIDE ION'
6 non-polymer IMIDAZOLE
7 non-polymer 1,2-ETHANEDIOL
8 water water
#
_entity_poly.entity_id   1
_entity_poly.type   'polypeptide(L)'
_entity_poly.pdbx_seq_one_letter_code
;MLLCLLYFTSSWCSEADVPDVCTNSGMIAINFVDGPVRGVTDRILNTLDELGVKATFSFTVNQKAVGNVGQLYRRAVEEG
HNVALRVDPSMDEGYQCLSQDALENNVDREIDTIDGLSGTEIRYAAVPICNGQVNSEMYNILTERGVLPVGYTFCPYDYD
DPVGEFESMIEGSDPKHHSFIILMHDGQEADTSRLENMVKIGKDKGYRFVNMDECLQGYKGAPGDPELSLRGKGVESIGK
GFLPFFLMMLVRLL
;
_entity_poly.pdbx_strand_id   A
#
loop_
_chem_comp.id
_chem_comp.type
_chem_comp.name
_chem_comp.formula
ACT non-polymer 'ACETATE ION' 'C2 H3 O2 -1'
CA non-polymer 'CALCIUM ION' 'Ca 2'
CL non-polymer 'CHLORIDE ION' 'Cl -1'
EDO non-polymer 1,2-ETHANEDIOL 'C2 H6 O2'
IMD non-polymer IMIDAZOLE 'C3 H5 N2 1'
ZN non-polymer 'ZINC ION' 'Zn 2'
#
# COMPACT_ATOMS: atom_id res chain seq x y z
N GLU A 15 -14.43 -13.81 -8.48
CA GLU A 15 -13.34 -12.98 -7.87
C GLU A 15 -12.25 -13.83 -7.21
N ALA A 16 -11.10 -13.19 -7.00
CA ALA A 16 -9.90 -13.86 -6.54
C ALA A 16 -9.52 -13.35 -5.17
N ASP A 17 -9.13 -14.26 -4.29
CA ASP A 17 -8.74 -13.88 -2.94
C ASP A 17 -7.36 -13.23 -2.96
N VAL A 18 -7.23 -12.18 -2.15
CA VAL A 18 -5.95 -11.49 -2.00
C VAL A 18 -5.58 -11.51 -0.52
N PRO A 19 -4.27 -11.46 -0.21
CA PRO A 19 -3.87 -11.54 1.20
C PRO A 19 -4.32 -10.32 1.98
N ASP A 20 -4.79 -10.55 3.20
CA ASP A 20 -5.25 -9.42 4.00
C ASP A 20 -4.62 -9.38 5.38
N VAL A 21 -3.56 -10.16 5.55
CA VAL A 21 -2.67 -10.14 6.71
C VAL A 21 -1.35 -10.67 6.20
N CYS A 22 -0.31 -10.51 7.02
CA CYS A 22 1.02 -11.02 6.67
C CYS A 22 1.08 -12.55 6.79
N THR A 23 2.11 -13.13 6.19
CA THR A 23 2.24 -14.59 6.18
C THR A 23 2.85 -15.10 7.49
N ASN A 24 3.18 -14.18 8.39
CA ASN A 24 3.69 -14.55 9.72
C ASN A 24 3.25 -13.48 10.70
N SER A 25 3.38 -13.79 12.00
CA SER A 25 2.90 -12.90 13.05
C SER A 25 3.89 -11.76 13.39
N GLY A 26 3.41 -10.81 14.20
CA GLY A 26 4.32 -9.87 14.88
C GLY A 26 4.60 -8.61 14.12
N MET A 27 3.89 -8.43 13.00
CA MET A 27 4.22 -7.36 12.05
C MET A 27 3.03 -6.47 11.76
N ILE A 28 3.34 -5.19 11.50
CA ILE A 28 2.33 -4.25 10.97
C ILE A 28 2.91 -3.69 9.69
N ALA A 29 2.20 -3.91 8.58
CA ALA A 29 2.60 -3.41 7.26
C ALA A 29 1.66 -2.27 6.87
N ILE A 30 2.14 -1.03 6.98
CA ILE A 30 1.30 0.08 6.53
C ILE A 30 1.42 0.19 5.01
N ASN A 31 0.27 0.39 4.34
CA ASN A 31 0.23 0.55 2.89
C ASN A 31 -0.39 1.92 2.66
N PHE A 32 0.45 2.90 2.31
CA PHE A 32 -0.01 4.23 1.96
C PHE A 32 -0.48 4.22 0.53
N VAL A 33 -1.77 4.53 0.30
CA VAL A 33 -2.34 4.34 -1.04
C VAL A 33 -2.81 5.65 -1.69
N ASP A 34 -2.59 5.77 -3.01
CA ASP A 34 -3.09 6.87 -3.86
C ASP A 34 -2.21 8.12 -3.90
N GLY A 35 -1.03 8.04 -3.29
CA GLY A 35 -0.03 9.10 -3.48
C GLY A 35 0.55 8.90 -4.85
N PRO A 36 1.59 9.66 -5.19
CA PRO A 36 2.29 10.64 -4.36
C PRO A 36 1.55 11.98 -4.32
N VAL A 37 1.75 12.72 -3.22
CA VAL A 37 1.18 14.04 -3.02
C VAL A 37 2.36 14.95 -2.67
N ARG A 38 2.55 16.00 -3.47
CA ARG A 38 3.60 17.01 -3.25
C ARG A 38 3.62 17.49 -1.81
N GLY A 39 4.79 17.40 -1.17
CA GLY A 39 4.96 17.89 0.19
C GLY A 39 4.50 16.90 1.26
N VAL A 40 3.24 16.51 1.15
CA VAL A 40 2.64 15.54 2.04
C VAL A 40 3.41 14.20 2.09
N THR A 41 3.64 13.59 0.93
CA THR A 41 4.36 12.34 0.87
C THR A 41 5.81 12.47 1.35
N ASP A 42 6.46 13.60 1.03
CA ASP A 42 7.84 13.84 1.45
C ASP A 42 7.92 13.79 2.99
N ARG A 43 6.94 14.43 3.62
CA ARG A 43 6.86 14.52 5.09
C ARG A 43 6.58 13.15 5.72
N ILE A 44 5.71 12.37 5.08
CA ILE A 44 5.46 11.01 5.58
C ILE A 44 6.76 10.20 5.54
N LEU A 45 7.49 10.29 4.43
CA LEU A 45 8.77 9.61 4.32
C LEU A 45 9.77 10.09 5.39
N ASN A 46 9.78 11.39 5.67
CA ASN A 46 10.67 11.91 6.73
C ASN A 46 10.35 11.24 8.06
N THR A 47 9.06 11.24 8.39
CA THR A 47 8.54 10.65 9.63
C THR A 47 8.92 9.18 9.75
N LEU A 48 8.71 8.40 8.68
CA LEU A 48 9.07 6.95 8.73
C LEU A 48 10.55 6.73 8.96
N ASP A 49 11.39 7.55 8.31
CA ASP A 49 12.84 7.45 8.42
C ASP A 49 13.27 7.71 9.87
N GLU A 50 12.74 8.79 10.45
CA GLU A 50 13.04 9.18 11.83
C GLU A 50 12.59 8.13 12.82
N LEU A 51 11.44 7.53 12.57
CA LEU A 51 10.90 6.49 13.45
C LEU A 51 11.52 5.12 13.26
N GLY A 52 12.34 4.96 12.22
CA GLY A 52 13.02 3.69 11.90
C GLY A 52 12.05 2.59 11.46
N VAL A 53 10.97 2.98 10.80
CA VAL A 53 9.97 2.00 10.36
C VAL A 53 9.97 1.88 8.83
N LYS A 54 9.62 0.70 8.34
CA LYS A 54 9.51 0.46 6.90
C LYS A 54 8.05 0.27 6.57
N ALA A 55 7.67 0.71 5.37
CA ALA A 55 6.26 0.60 4.96
C ALA A 55 6.17 0.38 3.47
N THR A 56 4.98 0.56 2.92
CA THR A 56 4.73 0.37 1.50
C THR A 56 3.97 1.55 0.98
N PHE A 57 4.27 1.97 -0.24
CA PHE A 57 3.52 3.07 -0.88
C PHE A 57 2.94 2.53 -2.17
N SER A 58 1.61 2.52 -2.28
CA SER A 58 0.95 2.13 -3.53
C SER A 58 0.66 3.41 -4.29
N PHE A 59 1.57 3.77 -5.20
CA PHE A 59 1.50 5.05 -5.88
C PHE A 59 0.77 4.92 -7.23
N THR A 60 0.05 5.97 -7.62
CA THR A 60 -0.46 6.05 -8.97
C THR A 60 0.58 6.56 -9.95
N VAL A 61 0.35 6.26 -11.23
CA VAL A 61 1.11 6.84 -12.33
C VAL A 61 0.18 7.25 -13.47
N ASN A 62 -1.11 7.41 -13.19
CA ASN A 62 -2.08 7.76 -14.24
C ASN A 62 -2.04 9.23 -14.63
N GLN A 63 -1.42 10.07 -13.80
CA GLN A 63 -1.12 11.48 -14.09
CA GLN A 63 -1.12 11.44 -14.17
C GLN A 63 0.40 11.65 -14.13
N LYS A 64 0.90 12.47 -15.06
CA LYS A 64 2.37 12.74 -15.12
C LYS A 64 2.81 13.40 -13.82
N ALA A 65 3.96 12.98 -13.30
CA ALA A 65 4.52 13.52 -12.05
C ALA A 65 5.11 14.91 -12.31
N VAL A 66 4.60 15.92 -11.59
CA VAL A 66 4.98 17.31 -11.82
C VAL A 66 6.11 17.71 -10.89
N GLY A 67 7.12 18.39 -11.43
CA GLY A 67 8.15 19.00 -10.57
C GLY A 67 8.80 18.03 -9.62
N ASN A 68 8.83 18.40 -8.35
CA ASN A 68 9.51 17.59 -7.34
C ASN A 68 8.72 16.35 -6.88
N VAL A 69 7.63 16.01 -7.57
CA VAL A 69 6.91 14.77 -7.21
C VAL A 69 7.62 13.53 -7.75
N GLY A 70 8.19 13.63 -8.96
CA GLY A 70 8.87 12.49 -9.56
C GLY A 70 9.86 11.74 -8.70
N GLN A 71 10.68 12.45 -7.93
CA GLN A 71 11.70 11.78 -7.11
C GLN A 71 11.12 10.90 -6.00
N LEU A 72 9.85 11.10 -5.67
CA LEU A 72 9.25 10.33 -4.57
C LEU A 72 9.22 8.82 -4.83
N TYR A 73 9.01 8.44 -6.08
CA TYR A 73 8.94 7.02 -6.44
C TYR A 73 10.25 6.33 -6.14
N ARG A 74 11.35 7.01 -6.43
CA ARG A 74 12.68 6.47 -6.16
C ARG A 74 13.07 6.60 -4.67
N ARG A 75 12.75 7.75 -4.08
CA ARG A 75 13.06 7.97 -2.68
C ARG A 75 12.49 6.87 -1.79
N ALA A 76 11.22 6.51 -2.03
CA ALA A 76 10.59 5.46 -1.22
C ALA A 76 11.41 4.15 -1.24
N VAL A 77 11.83 3.70 -2.42
CA VAL A 77 12.63 2.50 -2.55
C VAL A 77 14.00 2.62 -1.86
N GLU A 78 14.67 3.74 -2.09
CA GLU A 78 15.99 3.95 -1.50
C GLU A 78 15.98 3.95 0.01
N GLU A 79 14.87 4.38 0.60
CA GLU A 79 14.76 4.38 2.05
C GLU A 79 14.22 3.07 2.65
N GLY A 80 14.08 2.05 1.80
CA GLY A 80 13.78 0.71 2.26
C GLY A 80 12.33 0.29 2.27
N HIS A 81 11.48 1.15 1.73
CA HIS A 81 10.07 0.86 1.58
C HIS A 81 9.83 0.10 0.29
N ASN A 82 8.66 -0.54 0.17
CA ASN A 82 8.27 -1.01 -1.14
C ASN A 82 7.39 0.00 -1.88
N VAL A 83 7.56 0.07 -3.19
CA VAL A 83 6.64 0.81 -4.07
C VAL A 83 5.79 -0.21 -4.79
N ALA A 84 4.49 -0.03 -4.71
CA ALA A 84 3.48 -0.90 -5.36
C ALA A 84 2.68 0.00 -6.31
N LEU A 85 2.05 -0.60 -7.32
CA LEU A 85 1.24 0.20 -8.24
C LEU A 85 -0.19 0.29 -7.74
N ARG A 86 -0.69 1.51 -7.54
CA ARG A 86 -2.12 1.70 -7.39
C ARG A 86 -2.69 1.82 -8.80
N VAL A 87 -3.42 0.79 -9.24
CA VAL A 87 -3.84 0.76 -10.66
C VAL A 87 -4.76 1.93 -10.96
N ASP A 88 -4.54 2.55 -12.13
CA ASP A 88 -5.34 3.68 -12.62
C ASP A 88 -6.74 3.78 -12.00
N PRO A 89 -6.92 4.69 -11.01
CA PRO A 89 -8.21 4.83 -10.34
C PRO A 89 -9.40 5.14 -11.26
N SER A 90 -9.14 5.70 -12.44
CA SER A 90 -10.20 5.97 -13.40
C SER A 90 -10.85 4.68 -13.95
N MET A 91 -10.20 3.54 -13.73
CA MET A 91 -10.77 2.26 -14.09
C MET A 91 -11.57 1.58 -12.96
N ASP A 92 -11.63 2.23 -11.79
CA ASP A 92 -12.23 1.64 -10.59
C ASP A 92 -13.65 1.09 -10.78
N GLU A 93 -14.46 1.82 -11.53
CA GLU A 93 -15.90 1.51 -11.64
C GLU A 93 -16.17 0.10 -12.15
N GLY A 94 -15.30 -0.39 -13.04
CA GLY A 94 -15.55 -1.67 -13.67
C GLY A 94 -14.48 -2.09 -14.63
N TYR A 95 -13.70 -3.10 -14.20
CA TYR A 95 -12.71 -3.73 -15.05
C TYR A 95 -13.36 -4.51 -16.21
N GLN A 96 -14.54 -5.09 -15.96
CA GLN A 96 -15.34 -5.79 -16.99
C GLN A 96 -15.95 -4.86 -18.07
N CYS A 97 -15.99 -3.57 -17.78
CA CYS A 97 -16.65 -2.58 -18.64
C CYS A 97 -15.78 -2.11 -19.80
N LEU A 98 -14.46 -2.17 -19.64
CA LEU A 98 -13.51 -1.83 -20.70
C LEU A 98 -13.25 -3.09 -21.52
N SER A 99 -12.74 -2.95 -22.74
CA SER A 99 -12.27 -4.13 -23.50
C SER A 99 -11.11 -4.72 -22.72
N GLN A 100 -11.03 -6.05 -22.68
CA GLN A 100 -9.92 -6.74 -22.01
C GLN A 100 -8.59 -6.14 -22.46
N ASP A 101 -8.47 -5.90 -23.77
CA ASP A 101 -7.27 -5.30 -24.36
C ASP A 101 -6.96 -3.93 -23.79
N ALA A 102 -7.96 -3.03 -23.75
CA ALA A 102 -7.82 -1.68 -23.17
C ALA A 102 -7.33 -1.72 -21.72
N LEU A 103 -8.04 -2.49 -20.90
CA LEU A 103 -7.69 -2.72 -19.51
C LEU A 103 -6.22 -3.20 -19.34
N GLU A 104 -5.89 -4.29 -20.02
CA GLU A 104 -4.55 -4.88 -19.89
C GLU A 104 -3.41 -3.98 -20.40
N ASN A 105 -3.59 -3.39 -21.58
CA ASN A 105 -2.60 -2.48 -22.14
C ASN A 105 -2.29 -1.32 -21.20
N ASN A 106 -3.33 -0.76 -20.59
CA ASN A 106 -3.16 0.33 -19.63
C ASN A 106 -2.34 -0.12 -18.41
N VAL A 107 -2.75 -1.24 -17.81
CA VAL A 107 -2.03 -1.79 -16.67
C VAL A 107 -0.59 -2.07 -17.02
N ASP A 108 -0.37 -2.70 -18.17
CA ASP A 108 0.98 -3.05 -18.54
C ASP A 108 1.85 -1.80 -18.66
N ARG A 109 1.34 -0.77 -19.30
CA ARG A 109 2.07 0.49 -19.40
C ARG A 109 2.35 1.14 -18.04
N GLU A 110 1.38 1.10 -17.14
CA GLU A 110 1.58 1.66 -15.79
C GLU A 110 2.67 0.94 -15.03
N ILE A 111 2.72 -0.39 -15.15
CA ILE A 111 3.77 -1.17 -14.50
C ILE A 111 5.15 -0.80 -15.06
N ASP A 112 5.25 -0.72 -16.39
CA ASP A 112 6.50 -0.30 -17.01
C ASP A 112 6.88 1.10 -16.55
N THR A 113 5.89 2.00 -16.46
CA THR A 113 6.15 3.38 -15.99
C THR A 113 6.63 3.42 -14.55
N ILE A 114 5.92 2.76 -13.64
CA ILE A 114 6.30 2.84 -12.23
C ILE A 114 7.64 2.10 -11.97
N ASP A 115 7.90 1.01 -12.71
CA ASP A 115 9.21 0.34 -12.62
C ASP A 115 10.34 1.33 -12.96
N GLY A 116 10.12 2.07 -14.04
CA GLY A 116 11.03 3.14 -14.47
C GLY A 116 11.27 4.22 -13.45
N LEU A 117 10.17 4.80 -12.96
CA LEU A 117 10.24 5.89 -11.96
C LEU A 117 10.88 5.47 -10.65
N SER A 118 10.60 4.24 -10.22
CA SER A 118 11.09 3.75 -8.94
C SER A 118 12.46 3.09 -9.04
N GLY A 119 12.90 2.75 -10.26
CA GLY A 119 14.20 2.06 -10.46
C GLY A 119 14.21 0.63 -9.98
N THR A 120 13.05 0.02 -9.92
CA THR A 120 12.91 -1.33 -9.43
C THR A 120 11.90 -2.11 -10.29
N GLU A 121 11.68 -3.39 -9.96
CA GLU A 121 10.55 -4.12 -10.53
C GLU A 121 9.55 -4.29 -9.40
N ILE A 122 8.36 -3.73 -9.61
CA ILE A 122 7.33 -3.83 -8.56
C ILE A 122 6.84 -5.26 -8.44
N ARG A 123 6.39 -5.61 -7.24
CA ARG A 123 5.92 -6.93 -6.95
C ARG A 123 4.47 -6.94 -6.49
N TYR A 124 3.94 -5.76 -6.12
CA TYR A 124 2.60 -5.62 -5.52
C TYR A 124 1.78 -4.53 -6.17
N ALA A 125 0.47 -4.61 -6.02
CA ALA A 125 -0.46 -3.61 -6.52
C ALA A 125 -1.63 -3.43 -5.58
N ALA A 126 -2.30 -2.28 -5.69
CA ALA A 126 -3.52 -1.99 -4.96
C ALA A 126 -4.61 -1.70 -5.98
N VAL A 127 -5.64 -2.53 -5.97
CA VAL A 127 -6.82 -2.37 -6.82
C VAL A 127 -8.07 -2.46 -5.92
N PRO A 128 -9.25 -2.06 -6.43
CA PRO A 128 -10.42 -2.20 -5.57
C PRO A 128 -10.68 -3.62 -5.05
N ILE A 129 -11.08 -3.68 -3.78
CA ILE A 129 -11.30 -4.92 -3.04
C ILE A 129 -12.74 -4.94 -2.53
N CYS A 130 -13.32 -6.13 -2.53
CA CYS A 130 -14.60 -6.38 -1.89
C CYS A 130 -14.46 -7.64 -1.07
N ASN A 131 -14.59 -7.50 0.25
CA ASN A 131 -14.50 -8.64 1.17
C ASN A 131 -13.30 -9.54 0.90
N GLY A 132 -12.13 -8.90 0.82
CA GLY A 132 -10.87 -9.63 0.64
C GLY A 132 -10.68 -10.22 -0.75
N GLN A 133 -11.44 -9.74 -1.73
CA GLN A 133 -11.38 -10.29 -3.10
C GLN A 133 -11.28 -9.20 -4.13
N VAL A 134 -10.60 -9.49 -5.24
CA VAL A 134 -10.51 -8.54 -6.35
C VAL A 134 -11.07 -9.18 -7.62
N ASN A 135 -11.30 -8.36 -8.64
CA ASN A 135 -11.71 -8.83 -9.96
C ASN A 135 -10.74 -9.89 -10.50
N SER A 136 -11.26 -11.05 -10.96
CA SER A 136 -10.38 -12.13 -11.44
C SER A 136 -9.60 -11.74 -12.69
N GLU A 137 -10.24 -11.03 -13.62
CA GLU A 137 -9.54 -10.58 -14.82
C GLU A 137 -8.31 -9.73 -14.44
N MET A 138 -8.50 -8.81 -13.50
CA MET A 138 -7.41 -7.95 -13.07
C MET A 138 -6.38 -8.78 -12.29
N TYR A 139 -6.85 -9.67 -11.40
CA TYR A 139 -5.94 -10.59 -10.73
C TYR A 139 -5.02 -11.35 -11.70
N ASN A 140 -5.60 -11.85 -12.79
CA ASN A 140 -4.84 -12.59 -13.77
C ASN A 140 -3.86 -11.70 -14.55
N ILE A 141 -4.28 -10.50 -14.91
CA ILE A 141 -3.43 -9.55 -15.62
C ILE A 141 -2.20 -9.23 -14.78
N LEU A 142 -2.42 -8.98 -13.49
CA LEU A 142 -1.27 -8.68 -12.62
C LEU A 142 -0.39 -9.90 -12.37
N THR A 143 -0.98 -11.04 -12.02
CA THR A 143 -0.15 -12.17 -11.61
C THR A 143 0.63 -12.79 -12.77
N GLU A 144 0.12 -12.73 -14.00
CA GLU A 144 0.92 -13.21 -15.14
C GLU A 144 2.14 -12.30 -15.38
N ARG A 145 2.11 -11.10 -14.80
CA ARG A 145 3.26 -10.18 -14.83
C ARG A 145 4.12 -10.25 -13.56
N GLY A 146 3.81 -11.21 -12.68
CA GLY A 146 4.52 -11.34 -11.39
C GLY A 146 4.23 -10.27 -10.36
N VAL A 147 3.03 -9.70 -10.43
CA VAL A 147 2.56 -8.63 -9.51
C VAL A 147 1.31 -9.15 -8.77
N LEU A 148 1.34 -9.04 -7.44
CA LEU A 148 0.27 -9.54 -6.59
C LEU A 148 -0.56 -8.38 -6.04
N PRO A 149 -1.85 -8.34 -6.35
CA PRO A 149 -2.70 -7.33 -5.70
C PRO A 149 -2.87 -7.71 -4.22
N VAL A 150 -2.87 -6.70 -3.35
CA VAL A 150 -2.94 -6.97 -1.91
C VAL A 150 -4.17 -6.34 -1.27
N GLY A 151 -4.63 -7.00 -0.19
CA GLY A 151 -5.74 -6.47 0.59
C GLY A 151 -5.23 -5.78 1.83
N TYR A 152 -6.09 -5.72 2.83
CA TYR A 152 -5.76 -5.01 4.06
C TYR A 152 -6.64 -5.52 5.20
N THR A 153 -6.11 -5.39 6.41
CA THR A 153 -6.77 -5.92 7.60
C THR A 153 -7.69 -4.85 8.19
N PHE A 154 -7.25 -3.60 8.09
CA PHE A 154 -7.90 -2.49 8.78
C PHE A 154 -7.62 -1.20 8.02
N CYS A 155 -8.62 -0.35 7.86
CA CYS A 155 -8.42 1.03 7.39
C CYS A 155 -8.95 2.03 8.44
N PRO A 156 -8.06 2.90 8.98
CA PRO A 156 -8.53 3.80 10.04
C PRO A 156 -9.69 4.73 9.66
N TYR A 157 -9.81 5.05 8.38
CA TYR A 157 -10.85 5.96 7.91
C TYR A 157 -12.26 5.36 7.89
N ASP A 158 -12.37 4.05 8.07
CA ASP A 158 -13.68 3.39 8.19
C ASP A 158 -14.39 3.74 9.52
N TYR A 159 -13.73 4.48 10.40
CA TYR A 159 -14.23 4.67 11.77
C TYR A 159 -14.29 6.13 12.18
N ASP A 160 -15.21 6.45 13.10
CA ASP A 160 -15.37 7.81 13.63
C ASP A 160 -14.15 8.31 14.41
N ASP A 161 -13.54 7.42 15.18
CA ASP A 161 -12.28 7.69 15.86
C ASP A 161 -11.23 6.73 15.31
N PRO A 162 -10.52 7.16 14.25
CA PRO A 162 -9.51 6.32 13.58
C PRO A 162 -8.41 5.80 14.50
N VAL A 163 -7.74 6.71 15.23
CA VAL A 163 -6.63 6.31 16.11
C VAL A 163 -7.14 5.48 17.29
N GLY A 164 -8.31 5.82 17.80
CA GLY A 164 -8.91 5.04 18.88
C GLY A 164 -9.26 3.61 18.49
N GLU A 165 -9.83 3.44 17.30
CA GLU A 165 -10.20 2.11 16.82
C GLU A 165 -8.93 1.30 16.53
N PHE A 166 -7.92 1.97 15.97
CA PHE A 166 -6.61 1.34 15.75
C PHE A 166 -6.02 0.84 17.06
N GLU A 167 -5.97 1.73 18.04
CA GLU A 167 -5.48 1.33 19.35
C GLU A 167 -6.32 0.20 19.95
N SER A 168 -7.64 0.29 19.84
CA SER A 168 -8.51 -0.78 20.33
C SER A 168 -8.18 -2.13 19.67
N MET A 169 -7.97 -2.12 18.37
CA MET A 169 -7.65 -3.35 17.65
C MET A 169 -6.28 -3.90 18.05
N ILE A 170 -5.26 -3.04 18.06
CA ILE A 170 -3.89 -3.45 18.37
C ILE A 170 -3.79 -3.92 19.80
N GLU A 171 -4.38 -3.17 20.73
CA GLU A 171 -4.25 -3.53 22.13
C GLU A 171 -5.02 -4.81 22.47
N GLY A 172 -6.11 -5.07 21.73
CA GLY A 172 -6.83 -6.34 21.85
C GLY A 172 -6.19 -7.56 21.18
N SER A 173 -5.11 -7.34 20.44
CA SER A 173 -4.48 -8.42 19.69
C SER A 173 -3.26 -8.97 20.44
N ASP A 174 -2.57 -9.94 19.87
CA ASP A 174 -1.38 -10.44 20.48
C ASP A 174 -0.41 -10.60 19.33
N PRO A 175 0.70 -9.86 19.38
CA PRO A 175 1.66 -9.93 18.27
C PRO A 175 2.27 -11.32 18.04
N LYS A 176 2.16 -12.27 18.99
CA LYS A 176 2.75 -13.58 18.72
C LYS A 176 1.89 -14.35 17.71
N HIS A 177 0.63 -13.95 17.59
CA HIS A 177 -0.31 -14.62 16.68
C HIS A 177 -0.83 -13.79 15.50
N HIS A 178 -0.79 -12.48 15.64
CA HIS A 178 -1.50 -11.58 14.73
C HIS A 178 -0.54 -10.73 13.95
N SER A 179 -0.99 -10.30 12.77
CA SER A 179 -0.32 -9.25 12.03
C SER A 179 -1.36 -8.42 11.35
N PHE A 180 -0.94 -7.27 10.78
CA PHE A 180 -1.91 -6.37 10.17
C PHE A 180 -1.33 -5.69 8.98
N ILE A 181 -2.12 -5.62 7.90
CA ILE A 181 -1.85 -4.71 6.83
C ILE A 181 -2.84 -3.56 7.02
N ILE A 182 -2.30 -2.35 7.14
CA ILE A 182 -3.12 -1.16 7.45
C ILE A 182 -3.15 -0.24 6.24
N LEU A 183 -4.35 0.04 5.73
CA LEU A 183 -4.50 0.87 4.53
C LEU A 183 -4.64 2.31 4.96
N MET A 184 -3.70 3.16 4.54
CA MET A 184 -3.79 4.61 4.78
C MET A 184 -3.71 5.37 3.45
N HIS A 185 -3.97 6.67 3.46
CA HIS A 185 -3.86 7.50 2.24
C HIS A 185 -2.98 8.70 2.52
N ASP A 186 -1.96 8.94 1.67
CA ASP A 186 -1.07 10.11 1.81
C ASP A 186 -1.85 11.38 2.09
N GLY A 187 -2.87 11.63 1.27
CA GLY A 187 -3.66 12.87 1.34
C GLY A 187 -4.38 13.09 2.66
N GLN A 188 -4.66 12.00 3.37
CA GLN A 188 -5.35 12.10 4.67
C GLN A 188 -4.39 12.32 5.83
N GLU A 189 -3.09 12.26 5.54
CA GLU A 189 -2.05 12.40 6.56
C GLU A 189 -1.13 13.60 6.29
N ALA A 190 -1.73 14.73 5.90
CA ALA A 190 -0.99 15.98 5.72
C ALA A 190 -0.36 16.48 7.03
N ASP A 191 -1.00 16.15 8.15
CA ASP A 191 -0.40 16.29 9.47
C ASP A 191 0.00 14.88 9.95
N THR A 192 1.26 14.72 10.35
CA THR A 192 1.83 13.40 10.62
C THR A 192 1.69 12.91 12.06
N SER A 193 0.96 13.66 12.89
CA SER A 193 0.76 13.25 14.29
C SER A 193 0.04 11.93 14.46
N ARG A 194 -1.03 11.70 13.70
CA ARG A 194 -1.74 10.42 13.76
C ARG A 194 -0.80 9.24 13.43
N LEU A 195 -0.02 9.37 12.36
CA LEU A 195 0.96 8.36 11.98
C LEU A 195 1.96 8.08 13.12
N GLU A 196 2.54 9.15 13.69
CA GLU A 196 3.44 9.03 14.83
C GLU A 196 2.81 8.26 16.00
N ASN A 197 1.57 8.59 16.28
CA ASN A 197 0.84 7.96 17.37
C ASN A 197 0.56 6.51 17.10
N MET A 198 0.17 6.20 15.86
CA MET A 198 -0.10 4.79 15.47
C MET A 198 1.17 3.94 15.57
N VAL A 199 2.30 4.49 15.14
CA VAL A 199 3.57 3.79 15.29
C VAL A 199 3.90 3.51 16.76
N LYS A 200 3.77 4.53 17.62
CA LYS A 200 4.01 4.34 19.02
C LYS A 200 3.10 3.23 19.60
N ILE A 201 1.81 3.31 19.28
CA ILE A 201 0.83 2.32 19.73
C ILE A 201 1.27 0.91 19.32
N GLY A 202 1.65 0.75 18.06
CA GLY A 202 2.08 -0.57 17.57
C GLY A 202 3.36 -1.03 18.23
N LYS A 203 4.34 -0.14 18.33
CA LYS A 203 5.60 -0.55 18.95
C LYS A 203 5.44 -0.89 20.43
N ASP A 204 4.60 -0.12 21.13
CA ASP A 204 4.37 -0.32 22.58
C ASP A 204 3.77 -1.68 22.83
N LYS A 205 2.98 -2.18 21.87
CA LYS A 205 2.32 -3.48 21.98
C LYS A 205 3.26 -4.62 21.56
N GLY A 206 4.35 -4.23 20.91
CA GLY A 206 5.37 -5.18 20.52
C GLY A 206 5.48 -5.56 19.04
N TYR A 207 4.82 -4.81 18.19
CA TYR A 207 4.84 -5.10 16.75
C TYR A 207 6.04 -4.49 16.10
N ARG A 208 6.52 -5.12 15.03
CA ARG A 208 7.52 -4.56 14.10
C ARG A 208 6.80 -4.01 12.88
N PHE A 209 7.22 -2.84 12.45
CA PHE A 209 6.63 -2.19 11.26
C PHE A 209 7.47 -2.54 10.04
N VAL A 210 6.82 -3.17 9.05
CA VAL A 210 7.56 -3.83 7.97
C VAL A 210 7.04 -3.41 6.60
N ASN A 211 7.88 -3.61 5.58
CA ASN A 211 7.45 -3.42 4.20
C ASN A 211 6.69 -4.66 3.70
N MET A 212 6.11 -4.56 2.50
CA MET A 212 5.29 -5.63 1.97
C MET A 212 6.08 -6.89 1.63
N ASP A 213 7.32 -6.71 1.19
CA ASP A 213 8.19 -7.86 0.93
C ASP A 213 8.28 -8.75 2.19
N GLU A 214 8.48 -8.11 3.35
CA GLU A 214 8.67 -8.87 4.56
C GLU A 214 7.31 -9.40 5.05
N CYS A 215 6.26 -8.59 4.95
CA CYS A 215 4.93 -8.99 5.37
C CYS A 215 4.45 -10.24 4.59
N LEU A 216 4.67 -10.20 3.28
CA LEU A 216 4.15 -11.28 2.43
C LEU A 216 5.19 -12.34 1.99
N GLN A 217 6.31 -12.44 2.72
CA GLN A 217 7.35 -13.42 2.40
C GLN A 217 6.75 -14.83 2.31
N GLY A 218 7.04 -15.51 1.21
CA GLY A 218 6.58 -16.87 0.97
C GLY A 218 5.10 -17.07 0.69
N TYR A 219 4.37 -15.98 0.43
CA TYR A 219 2.94 -16.11 0.13
C TYR A 219 2.72 -17.07 -1.03
N LYS A 220 1.79 -18.02 -0.86
CA LYS A 220 1.47 -19.09 -1.82
C LYS A 220 2.29 -20.34 -1.50
CA CA B . 3.98 -16.53 15.88
CA CA C . 17.75 9.06 5.70
ZN ZN D . -18.63 -5.40 -3.34
ZN ZN E . -9.79 4.91 0.48
CA CA F . 16.58 5.22 6.91
C ACT G . 17.82 5.85 4.29
O ACT G . 17.52 6.77 5.10
OXT ACT G . 17.45 4.70 4.63
CH3 ACT G . 18.55 6.12 2.98
CL CL H . 18.49 5.88 8.07
CA CA I . -4.29 -7.92 -25.67
N1 IMD J . 7.80 -5.45 -13.55
C2 IMD J . 7.37 -5.86 -12.36
N3 IMD J . 6.85 -7.08 -12.49
C4 IMD J . 6.95 -7.41 -13.78
C5 IMD J . 7.54 -6.41 -14.43
C1 EDO K . -6.29 5.43 24.91
O1 EDO K . -5.83 4.17 25.42
C2 EDO K . -5.07 6.26 24.52
O2 EDO K . -5.22 6.70 23.16
#